data_3F1K
#
_entry.id   3F1K
#
_cell.length_a   88.509
_cell.length_b   88.509
_cell.length_c   80.419
_cell.angle_alpha   90.000
_cell.angle_beta   90.000
_cell.angle_gamma   120.000
#
_symmetry.space_group_name_H-M   'P 32 2 1'
#
loop_
_entity.id
_entity.type
_entity.pdbx_description
1 polymer 'Uncharacterized oxidoreductase yciK'
2 non-polymer 'NADP NICOTINAMIDE-ADENINE-DINUCLEOTIDE PHOSPHATE'
3 water water
#
_entity_poly.entity_id   1
_entity_poly.type   'polypeptide(L)'
_entity_poly.pdbx_seq_one_letter_code
;MHYQPKQDLLNDRIILVTGASDGIGREAA(MSE)TYARYGATVILLGRNEEKLRQVASHINEETGRQPQWFILDLLTCTS
ENCQQLAQRIAVNYPRLDGVLHNAGLLGDVCP(MSE)SEQNPQVWQDV(MSE)QVNVNATF(MSE)LTQALLPLLLKSDA
GSLVFTSSSVGRQGRANWGAYAASKFATEG(MSE)(MSE)QVLADEYQQRLRVNCINPGGTRTAMRASAFPTEDPQKLKT
PADI(MSE)PLYLWL(MSE)GDDSRRKTGMTFDAQPGRKPGISQ
;
_entity_poly.pdbx_strand_id   A
#
loop_
_chem_comp.id
_chem_comp.type
_chem_comp.name
_chem_comp.formula
NAP non-polymer 'NADP NICOTINAMIDE-ADENINE-DINUCLEOTIDE PHOSPHATE' 'C21 H28 N7 O17 P3'
#
# COMPACT_ATOMS: atom_id res chain seq x y z
N MET A 1 -11.48 -7.57 -9.75
CA MET A 1 -10.79 -8.49 -10.66
C MET A 1 -10.85 -9.96 -10.19
N HIS A 2 -11.33 -10.86 -11.05
CA HIS A 2 -11.27 -12.29 -10.79
C HIS A 2 -9.91 -12.83 -11.24
N TYR A 3 -9.18 -13.49 -10.34
CA TYR A 3 -7.81 -13.92 -10.66
C TYR A 3 -7.28 -15.09 -9.78
N GLN A 4 -7.13 -16.27 -10.38
CA GLN A 4 -6.92 -17.52 -9.64
C GLN A 4 -5.58 -18.16 -9.96
N PRO A 5 -4.57 -17.94 -9.13
CA PRO A 5 -3.23 -18.34 -9.57
C PRO A 5 -2.54 -19.37 -8.69
N LYS A 6 -1.55 -20.00 -9.30
CA LYS A 6 -0.62 -20.88 -8.62
C LYS A 6 -0.16 -20.31 -7.28
N GLN A 7 -0.10 -21.13 -6.25
CA GLN A 7 0.48 -20.69 -4.99
C GLN A 7 2.02 -20.66 -5.07
N ASP A 8 2.53 -20.57 -6.30
CA ASP A 8 3.95 -20.36 -6.50
C ASP A 8 4.11 -19.16 -7.42
N LEU A 9 3.00 -18.46 -7.63
CA LEU A 9 2.93 -17.24 -8.46
C LEU A 9 3.98 -16.17 -8.15
N LEU A 10 4.35 -16.04 -6.89
CA LEU A 10 5.33 -15.02 -6.50
C LEU A 10 6.55 -15.70 -5.94
N ASN A 11 6.79 -16.92 -6.40
CA ASN A 11 7.74 -17.77 -5.71
C ASN A 11 9.09 -17.12 -5.40
N ASP A 12 9.72 -16.50 -6.39
CA ASP A 12 11.03 -15.91 -6.13
C ASP A 12 11.04 -14.38 -6.12
N ARG A 13 9.94 -13.81 -5.64
CA ARG A 13 9.76 -12.36 -5.62
C ARG A 13 9.94 -11.76 -4.22
N ILE A 14 10.82 -10.75 -4.12
CA ILE A 14 10.99 -9.98 -2.89
C ILE A 14 10.06 -8.78 -2.89
N ILE A 15 9.16 -8.71 -1.92
CA ILE A 15 8.16 -7.65 -1.92
C ILE A 15 8.02 -6.96 -0.56
N LEU A 16 8.24 -5.64 -0.56
CA LEU A 16 8.15 -4.83 0.65
C LEU A 16 6.77 -4.23 0.74
N VAL A 17 6.16 -4.33 1.92
CA VAL A 17 4.80 -3.81 2.11
C VAL A 17 4.79 -2.82 3.26
N THR A 18 4.29 -1.62 3.03
CA THR A 18 4.14 -0.65 4.11
C THR A 18 2.75 -0.73 4.74
N GLY A 19 2.65 -0.35 6.02
CA GLY A 19 1.41 -0.47 6.76
C GLY A 19 1.04 -1.94 6.92
N ALA A 20 2.07 -2.78 7.04
CA ALA A 20 1.92 -4.24 7.07
C ALA A 20 1.37 -4.76 8.41
N SER A 21 1.32 -3.88 9.40
CA SER A 21 0.83 -4.25 10.71
C SER A 21 -0.66 -4.43 10.77
N ASP A 22 -1.38 -3.84 9.83
CA ASP A 22 -2.83 -3.88 9.96
C ASP A 22 -3.61 -3.74 8.65
N GLY A 23 -4.91 -4.01 8.74
CA GLY A 23 -5.84 -3.82 7.64
C GLY A 23 -5.41 -4.47 6.34
N ILE A 24 -5.42 -3.70 5.27
CA ILE A 24 -5.11 -4.22 3.96
C ILE A 24 -3.64 -4.59 3.82
N GLY A 25 -2.77 -3.83 4.46
CA GLY A 25 -1.34 -4.13 4.47
C GLY A 25 -1.00 -5.45 5.14
N ARG A 26 -1.56 -5.66 6.34
CA ARG A 26 -1.36 -6.96 6.98
C ARG A 26 -1.82 -8.06 6.01
N GLU A 27 -3.01 -7.90 5.44
CA GLU A 27 -3.57 -8.90 4.52
C GLU A 27 -2.65 -9.17 3.34
N ALA A 28 -2.19 -8.10 2.69
CA ALA A 28 -1.39 -8.21 1.48
C ALA A 28 -0.08 -8.91 1.75
N ALA A 29 0.59 -8.52 2.84
CA ALA A 29 1.81 -9.18 3.24
C ALA A 29 1.60 -10.69 3.48
N MSE A 30 0.52 -11.05 4.14
CA MSE A 30 0.30 -12.45 4.48
C MSE A 30 -0.02 -13.24 3.24
O MSE A 30 0.45 -14.37 3.08
CB MSE A 30 -0.80 -12.60 5.53
CG MSE A 30 -0.41 -12.02 6.88
SE MSE A 30 -1.81 -12.20 8.20
CE MSE A 30 -1.32 -14.04 8.68
N THR A 31 -0.81 -12.63 2.36
CA THR A 31 -1.16 -13.23 1.07
C THR A 31 0.02 -13.39 0.10
N TYR A 32 0.83 -12.35 -0.08
CA TYR A 32 2.09 -12.49 -0.82
C TYR A 32 2.93 -13.66 -0.31
N ALA A 33 3.10 -13.74 1.00
CA ALA A 33 3.89 -14.81 1.59
C ALA A 33 3.32 -16.15 1.16
N ARG A 34 2.00 -16.31 1.34
CA ARG A 34 1.31 -17.54 1.03
C ARG A 34 1.36 -17.92 -0.45
N TYR A 35 2.06 -17.12 -1.25
CA TYR A 35 2.10 -17.39 -2.68
C TYR A 35 3.55 -17.38 -3.14
N GLY A 36 4.44 -17.48 -2.18
CA GLY A 36 5.85 -17.71 -2.46
C GLY A 36 6.78 -16.55 -2.13
N ALA A 37 6.22 -15.35 -2.03
CA ALA A 37 7.06 -14.16 -1.95
C ALA A 37 7.96 -14.12 -0.71
N THR A 38 9.11 -13.48 -0.87
CA THR A 38 9.98 -13.15 0.25
C THR A 38 9.58 -11.74 0.70
N VAL A 39 8.68 -11.66 1.66
CA VAL A 39 8.09 -10.37 2.02
C VAL A 39 8.85 -9.65 3.12
N ILE A 40 8.90 -8.32 3.00
CA ILE A 40 9.48 -7.43 4.01
C ILE A 40 8.37 -6.53 4.56
N LEU A 41 8.25 -6.51 5.87
CA LEU A 41 7.21 -5.75 6.55
C LEU A 41 7.77 -4.42 7.01
N LEU A 42 7.04 -3.33 6.75
CA LEU A 42 7.36 -2.02 7.32
C LEU A 42 6.18 -1.46 8.15
N GLY A 43 6.52 -0.83 9.27
CA GLY A 43 5.53 -0.17 10.10
C GLY A 43 6.23 0.65 11.17
N ARG A 44 5.45 1.27 12.06
CA ARG A 44 6.04 2.02 13.18
C ARG A 44 6.17 1.16 14.44
N ASN A 45 5.14 0.40 14.77
CA ASN A 45 5.13 -0.42 15.98
C ASN A 45 5.72 -1.84 15.85
N GLU A 46 6.84 -2.10 16.54
CA GLU A 46 7.58 -3.35 16.43
C GLU A 46 6.79 -4.60 16.89
N GLU A 47 6.10 -4.48 18.01
CA GLU A 47 5.31 -5.60 18.54
C GLU A 47 4.22 -6.02 17.57
N LYS A 48 3.63 -5.04 16.90
CA LYS A 48 2.57 -5.31 15.96
C LYS A 48 3.16 -6.01 14.73
N LEU A 49 4.40 -5.65 14.39
CA LEU A 49 5.10 -6.33 13.30
C LEU A 49 5.62 -7.70 13.74
N ARG A 50 5.97 -7.86 14.99
CA ARG A 50 6.31 -9.19 15.47
C ARG A 50 5.10 -10.13 15.32
N GLN A 51 3.95 -9.68 15.76
CA GLN A 51 2.75 -10.47 15.64
C GLN A 51 2.56 -10.97 14.22
N VAL A 52 2.59 -10.05 13.27
CA VAL A 52 2.35 -10.37 11.86
C VAL A 52 3.37 -11.34 11.27
N ALA A 53 4.64 -11.10 11.58
CA ALA A 53 5.72 -11.94 11.09
C ALA A 53 5.51 -13.36 11.58
N SER A 54 5.17 -13.49 12.85
CA SER A 54 4.96 -14.78 13.50
C SER A 54 3.84 -15.59 12.84
N HIS A 55 2.73 -14.92 12.51
CA HIS A 55 1.63 -15.59 11.84
C HIS A 55 2.00 -16.05 10.44
N ILE A 56 2.73 -15.23 9.70
CA ILE A 56 3.22 -15.66 8.41
C ILE A 56 4.13 -16.89 8.59
N ASN A 57 4.89 -16.92 9.68
CA ASN A 57 5.70 -18.09 10.01
C ASN A 57 4.83 -19.34 10.23
N GLU A 58 3.76 -19.19 11.01
CA GLU A 58 2.83 -20.27 11.20
C GLU A 58 2.24 -20.76 9.89
N GLU A 59 1.95 -19.82 8.99
CA GLU A 59 1.25 -20.13 7.74
C GLU A 59 2.14 -20.67 6.63
N THR A 60 3.44 -20.48 6.73
CA THR A 60 4.30 -20.71 5.58
C THR A 60 5.66 -21.26 5.96
N GLY A 61 5.98 -21.20 7.23
CA GLY A 61 7.25 -21.74 7.69
C GLY A 61 8.43 -20.81 7.53
N ARG A 62 8.35 -19.83 6.63
CA ARG A 62 9.38 -18.78 6.60
C ARG A 62 8.97 -17.53 7.36
N GLN A 63 9.87 -16.99 8.17
CA GLN A 63 9.59 -15.76 8.90
C GLN A 63 10.15 -14.55 8.18
N PRO A 64 9.28 -13.57 7.84
CA PRO A 64 9.65 -12.34 7.13
C PRO A 64 10.43 -11.40 8.02
N GLN A 65 11.18 -10.49 7.39
CA GLN A 65 11.90 -9.45 8.11
C GLN A 65 11.02 -8.22 8.27
N TRP A 66 11.10 -7.56 9.43
CA TRP A 66 10.46 -6.25 9.55
C TRP A 66 11.45 -5.11 9.76
N PHE A 67 11.02 -3.91 9.39
CA PHE A 67 11.80 -2.71 9.61
C PHE A 67 10.85 -1.67 10.13
N ILE A 68 11.32 -0.84 11.06
CA ILE A 68 10.51 0.23 11.61
C ILE A 68 10.83 1.54 10.89
N LEU A 69 9.77 2.30 10.65
CA LEU A 69 9.84 3.55 9.92
C LEU A 69 8.55 4.28 10.20
N ASP A 70 8.67 5.46 10.76
CA ASP A 70 7.50 6.26 11.08
C ASP A 70 7.31 7.40 10.09
N LEU A 71 6.32 7.23 9.22
CA LEU A 71 6.16 8.13 8.08
C LEU A 71 5.83 9.56 8.49
N LEU A 72 5.20 9.73 9.64
CA LEU A 72 4.89 11.08 10.12
C LEU A 72 6.14 11.95 10.36
N THR A 73 7.24 11.34 10.80
CA THR A 73 8.43 12.11 11.18
C THR A 73 9.76 11.71 10.54
N CYS A 74 9.78 10.63 9.78
CA CYS A 74 11.05 10.15 9.23
C CYS A 74 11.60 11.19 8.26
N THR A 75 12.91 11.26 8.16
CA THR A 75 13.55 12.24 7.28
C THR A 75 14.02 11.56 6.02
N SER A 76 14.56 12.33 5.09
CA SER A 76 15.01 11.74 3.84
C SER A 76 16.09 10.73 4.17
N GLU A 77 16.91 11.09 5.15
CA GLU A 77 18.06 10.29 5.50
C GLU A 77 17.63 9.02 6.19
N ASN A 78 16.72 9.16 7.15
CA ASN A 78 16.03 8.03 7.74
C ASN A 78 15.62 7.01 6.69
N CYS A 79 15.14 7.48 5.54
CA CYS A 79 14.69 6.59 4.47
C CYS A 79 15.85 5.94 3.73
N GLN A 80 17.00 6.62 3.71
CA GLN A 80 18.15 6.11 3.00
C GLN A 80 18.86 5.06 3.86
N GLN A 81 18.95 5.33 5.15
CA GLN A 81 19.46 4.34 6.08
C GLN A 81 18.67 3.07 5.97
N LEU A 82 17.36 3.20 5.75
CA LEU A 82 16.51 2.02 5.65
C LEU A 82 16.93 1.23 4.43
N ALA A 83 16.86 1.87 3.27
CA ALA A 83 17.23 1.21 2.02
C ALA A 83 18.60 0.52 2.17
N GLN A 84 19.55 1.17 2.83
CA GLN A 84 20.86 0.57 3.09
C GLN A 84 20.75 -0.69 3.93
N ARG A 85 20.08 -0.59 5.08
CA ARG A 85 19.82 -1.75 5.92
C ARG A 85 19.22 -2.91 5.10
N ILE A 86 18.26 -2.60 4.23
CA ILE A 86 17.67 -3.60 3.37
C ILE A 86 18.73 -4.18 2.47
N ALA A 87 19.47 -3.30 1.81
CA ALA A 87 20.38 -3.67 0.72
C ALA A 87 21.32 -4.81 1.08
N VAL A 88 21.88 -4.79 2.29
CA VAL A 88 22.73 -5.88 2.73
C VAL A 88 22.04 -7.24 2.62
N ASN A 89 20.83 -7.35 3.19
CA ASN A 89 20.10 -8.62 3.23
C ASN A 89 19.39 -9.04 1.95
N TYR A 90 19.22 -8.11 1.00
CA TYR A 90 18.50 -8.43 -0.23
C TYR A 90 19.22 -7.86 -1.45
N PRO A 91 19.29 -8.66 -2.53
CA PRO A 91 19.95 -8.26 -3.77
C PRO A 91 19.18 -7.14 -4.43
N ARG A 92 17.86 -7.14 -4.22
CA ARG A 92 17.02 -6.14 -4.85
C ARG A 92 15.62 -6.16 -4.26
N LEU A 93 14.70 -5.49 -4.93
CA LEU A 93 13.30 -5.46 -4.54
C LEU A 93 12.49 -5.68 -5.78
N ASP A 94 11.61 -6.68 -5.79
CA ASP A 94 10.81 -6.91 -6.99
C ASP A 94 9.49 -6.20 -6.89
N GLY A 95 9.12 -5.80 -5.69
CA GLY A 95 7.88 -5.07 -5.53
C GLY A 95 7.81 -4.25 -4.26
N VAL A 96 7.05 -3.16 -4.36
CA VAL A 96 6.85 -2.26 -3.25
C VAL A 96 5.39 -1.86 -3.27
N LEU A 97 4.68 -2.21 -2.21
CA LEU A 97 3.29 -1.83 -2.07
C LEU A 97 3.25 -0.73 -1.01
N HIS A 98 2.88 0.48 -1.44
CA HIS A 98 2.73 1.58 -0.52
C HIS A 98 1.31 1.57 -0.01
N ASN A 99 1.15 1.16 1.23
CA ASN A 99 -0.17 0.97 1.76
C ASN A 99 -0.40 1.76 3.03
N ALA A 100 0.69 2.11 3.71
CA ALA A 100 0.57 2.92 4.90
C ALA A 100 -0.23 4.18 4.53
N GLY A 101 -1.08 4.63 5.45
CA GLY A 101 -1.93 5.75 5.17
C GLY A 101 -2.43 6.38 6.45
N LEU A 102 -2.75 7.67 6.39
CA LEU A 102 -3.42 8.34 7.46
C LEU A 102 -4.73 8.92 6.90
N LEU A 103 -5.84 8.63 7.56
CA LEU A 103 -7.15 9.20 7.22
C LEU A 103 -7.27 10.70 7.54
N GLY A 104 -6.92 11.10 8.76
CA GLY A 104 -7.14 12.47 9.24
C GLY A 104 -8.62 12.81 9.37
N ASP A 105 -8.94 14.05 9.70
CA ASP A 105 -10.33 14.46 9.93
C ASP A 105 -11.29 14.24 8.76
N VAL A 106 -12.38 13.49 8.96
CA VAL A 106 -13.48 13.56 7.99
C VAL A 106 -14.57 14.54 8.48
N CYS A 107 -14.59 15.72 7.89
CA CYS A 107 -15.38 16.82 8.40
C CYS A 107 -15.26 18.00 7.42
N PRO A 108 -16.13 19.02 7.55
CA PRO A 108 -16.05 20.18 6.65
C PRO A 108 -14.68 20.87 6.66
N MSE A 109 -14.31 21.44 5.52
CA MSE A 109 -13.06 22.19 5.40
C MSE A 109 -12.95 23.28 6.47
O MSE A 109 -11.84 23.59 6.95
CB MSE A 109 -12.95 22.81 4.01
CG MSE A 109 -12.86 21.83 2.86
SE MSE A 109 -11.14 20.88 2.77
CE MSE A 109 -10.00 22.48 2.51
N SER A 110 -14.09 23.89 6.83
CA SER A 110 -14.12 24.90 7.91
C SER A 110 -13.63 24.38 9.26
N GLU A 111 -13.83 23.09 9.52
CA GLU A 111 -13.49 22.48 10.80
C GLU A 111 -12.24 21.62 10.71
N GLN A 112 -11.81 21.38 9.48
CA GLN A 112 -10.63 20.57 9.22
C GLN A 112 -9.46 21.12 10.05
N ASN A 113 -8.80 20.29 10.85
CA ASN A 113 -7.69 20.73 11.71
C ASN A 113 -6.36 20.70 10.97
N PRO A 114 -5.66 21.84 10.92
CA PRO A 114 -4.48 22.11 10.09
C PRO A 114 -3.29 21.21 10.40
N GLN A 115 -2.98 20.99 11.68
CA GLN A 115 -1.93 20.04 12.03
C GLN A 115 -2.17 18.64 11.44
N VAL A 116 -3.42 18.21 11.49
CA VAL A 116 -3.85 16.91 11.03
C VAL A 116 -3.78 16.88 9.52
N TRP A 117 -4.28 17.95 8.90
CA TRP A 117 -4.21 18.16 7.48
C TRP A 117 -2.77 17.98 7.03
N GLN A 118 -1.86 18.67 7.73
CA GLN A 118 -0.47 18.61 7.35
C GLN A 118 0.12 17.23 7.66
N ASP A 119 -0.39 16.60 8.73
CA ASP A 119 0.07 15.26 9.10
C ASP A 119 -0.26 14.28 7.99
N VAL A 120 -1.44 14.43 7.41
CA VAL A 120 -1.92 13.59 6.33
C VAL A 120 -1.11 13.78 5.06
N MSE A 121 -0.82 15.02 4.70
CA MSE A 121 0.02 15.29 3.54
C MSE A 121 1.37 14.65 3.78
O MSE A 121 1.94 14.03 2.88
CB MSE A 121 0.18 16.81 3.33
CG MSE A 121 -1.03 17.54 2.72
SE MSE A 121 -1.98 16.59 1.24
CE MSE A 121 -0.57 16.48 -0.01
N GLN A 122 1.88 14.80 4.99
CA GLN A 122 3.23 14.33 5.28
C GLN A 122 3.39 12.82 5.11
N VAL A 123 2.42 12.06 5.61
CA VAL A 123 2.54 10.61 5.59
C VAL A 123 2.19 10.10 4.19
N ASN A 124 1.04 10.54 3.68
CA ASN A 124 0.46 9.99 2.48
C ASN A 124 1.24 10.37 1.21
N VAL A 125 1.79 11.59 1.20
CA VAL A 125 2.46 12.12 0.02
C VAL A 125 3.96 12.23 0.22
N ASN A 126 4.38 13.07 1.17
CA ASN A 126 5.78 13.48 1.29
C ASN A 126 6.69 12.34 1.65
N ALA A 127 6.38 11.66 2.75
CA ALA A 127 7.15 10.50 3.19
C ALA A 127 7.00 9.32 2.23
N THR A 128 5.80 9.16 1.68
CA THR A 128 5.58 8.13 0.71
C THR A 128 6.50 8.40 -0.48
N PHE A 129 6.60 9.67 -0.87
CA PHE A 129 7.58 10.08 -1.89
C PHE A 129 9.05 9.80 -1.50
N MSE A 130 9.47 10.18 -0.29
CA MSE A 130 10.86 10.02 0.09
C MSE A 130 11.27 8.54 0.18
O MSE A 130 12.39 8.15 -0.21
CB MSE A 130 11.15 10.74 1.43
CG MSE A 130 11.05 12.27 1.36
SE MSE A 130 11.58 13.20 3.01
CE MSE A 130 10.32 12.53 4.34
N LEU A 131 10.36 7.72 0.70
CA LEU A 131 10.61 6.29 0.77
C LEU A 131 10.69 5.67 -0.63
N THR A 132 9.78 6.06 -1.51
CA THR A 132 9.98 5.56 -2.85
C THR A 132 11.25 6.09 -3.51
N GLN A 133 11.72 7.26 -3.14
CA GLN A 133 13.01 7.67 -3.70
C GLN A 133 14.13 6.79 -3.15
N ALA A 134 14.20 6.62 -1.83
CA ALA A 134 15.21 5.72 -1.27
C ALA A 134 15.14 4.27 -1.79
N LEU A 135 13.97 3.83 -2.27
CA LEU A 135 13.84 2.43 -2.68
C LEU A 135 13.93 2.25 -4.18
N LEU A 136 13.91 3.36 -4.91
CA LEU A 136 13.93 3.28 -6.36
C LEU A 136 15.08 2.42 -6.91
N PRO A 137 16.30 2.59 -6.37
CA PRO A 137 17.44 1.77 -6.83
C PRO A 137 17.22 0.26 -6.67
N LEU A 138 17.00 -0.21 -5.44
CA LEU A 138 16.77 -1.64 -5.21
C LEU A 138 15.77 -2.20 -6.18
N LEU A 139 14.71 -1.44 -6.46
CA LEU A 139 13.64 -1.85 -7.38
C LEU A 139 14.12 -1.98 -8.81
N LEU A 140 14.95 -1.04 -9.23
CA LEU A 140 15.39 -1.00 -10.62
C LEU A 140 16.27 -2.20 -10.92
N LYS A 141 16.89 -2.73 -9.86
CA LYS A 141 17.68 -3.94 -9.93
C LYS A 141 16.83 -5.22 -9.87
N SER A 142 15.63 -5.17 -10.45
CA SER A 142 14.76 -6.33 -10.52
C SER A 142 14.49 -6.68 -11.97
N ASP A 143 14.11 -7.93 -12.23
CA ASP A 143 13.78 -8.37 -13.58
C ASP A 143 12.66 -7.51 -14.11
N ALA A 144 11.69 -7.24 -13.25
CA ALA A 144 10.56 -6.39 -13.59
C ALA A 144 9.90 -5.90 -12.31
N GLY A 145 10.53 -4.91 -11.68
CA GLY A 145 10.01 -4.26 -10.49
C GLY A 145 8.62 -3.65 -10.62
N SER A 146 7.78 -3.96 -9.63
CA SER A 146 6.40 -3.47 -9.59
C SER A 146 6.13 -2.58 -8.37
N LEU A 147 5.64 -1.38 -8.65
CA LEU A 147 5.45 -0.35 -7.64
C LEU A 147 4.01 0.04 -7.69
N VAL A 148 3.32 -0.11 -6.56
CA VAL A 148 1.93 0.30 -6.55
C VAL A 148 1.66 1.22 -5.36
N PHE A 149 0.85 2.25 -5.61
CA PHE A 149 0.37 3.15 -4.57
C PHE A 149 -1.08 2.83 -4.23
N THR A 150 -1.54 3.36 -3.11
CA THR A 150 -2.88 3.12 -2.66
C THR A 150 -3.66 4.41 -2.82
N SER A 151 -4.71 4.35 -3.63
CA SER A 151 -5.56 5.49 -3.86
C SER A 151 -6.91 5.29 -3.21
N SER A 152 -7.91 6.01 -3.70
CA SER A 152 -9.24 6.00 -3.11
C SER A 152 -10.19 6.72 -4.05
N SER A 153 -11.48 6.46 -3.89
CA SER A 153 -12.47 7.07 -4.76
C SER A 153 -12.42 8.59 -4.66
N VAL A 154 -12.11 9.12 -3.48
CA VAL A 154 -11.94 10.57 -3.32
C VAL A 154 -10.55 11.06 -3.77
N GLY A 155 -9.80 10.18 -4.42
CA GLY A 155 -8.58 10.57 -5.12
C GLY A 155 -8.86 10.71 -6.60
N ARG A 156 -10.11 10.50 -7.00
CA ARG A 156 -10.55 10.71 -8.38
C ARG A 156 -11.65 11.75 -8.44
N GLN A 157 -12.39 11.89 -7.35
CA GLN A 157 -13.41 12.93 -7.26
C GLN A 157 -13.61 13.23 -5.79
N GLY A 158 -13.47 14.50 -5.44
CA GLY A 158 -13.45 14.87 -4.04
C GLY A 158 -14.86 15.04 -3.57
N ARG A 159 -15.15 14.52 -2.38
CA ARG A 159 -16.49 14.57 -1.80
C ARG A 159 -16.47 15.45 -0.55
N ALA A 160 -17.65 15.94 -0.18
CA ALA A 160 -17.80 16.97 0.85
C ALA A 160 -16.90 16.90 2.10
N ASN A 161 -16.98 15.84 2.88
CA ASN A 161 -16.27 15.91 4.17
C ASN A 161 -14.83 15.42 4.20
N TRP A 162 -14.34 14.97 3.05
CA TRP A 162 -13.01 14.44 2.96
C TRP A 162 -12.17 15.68 2.82
N GLY A 163 -10.91 15.62 3.15
CA GLY A 163 -10.24 16.89 3.36
C GLY A 163 -8.83 16.70 2.95
N ALA A 164 -7.91 16.80 3.89
CA ALA A 164 -6.52 16.46 3.63
C ALA A 164 -6.48 15.12 2.88
N TYR A 165 -7.42 14.25 3.18
CA TYR A 165 -7.30 12.89 2.66
C TYR A 165 -7.61 12.82 1.14
N ALA A 166 -8.66 13.53 0.74
CA ALA A 166 -8.99 13.63 -0.66
C ALA A 166 -7.82 14.27 -1.43
N ALA A 167 -7.37 15.43 -0.97
CA ALA A 167 -6.19 16.10 -1.54
C ALA A 167 -4.96 15.17 -1.59
N SER A 168 -4.74 14.36 -0.57
CA SER A 168 -3.54 13.54 -0.55
C SER A 168 -3.61 12.43 -1.56
N LYS A 169 -4.83 11.95 -1.85
CA LYS A 169 -4.99 10.81 -2.75
C LYS A 169 -4.95 11.25 -4.21
N PHE A 170 -5.43 12.46 -4.48
CA PHE A 170 -5.20 13.07 -5.77
C PHE A 170 -3.71 13.15 -6.05
N ALA A 171 -2.96 13.61 -5.06
CA ALA A 171 -1.53 13.79 -5.20
C ALA A 171 -0.86 12.46 -5.45
N THR A 172 -1.39 11.42 -4.80
CA THR A 172 -0.92 10.05 -4.99
C THR A 172 -1.07 9.68 -6.48
N GLU A 173 -2.27 9.87 -7.02
CA GLU A 173 -2.52 9.62 -8.43
C GLU A 173 -1.51 10.38 -9.33
N GLY A 174 -1.33 11.66 -9.04
CA GLY A 174 -0.39 12.48 -9.78
C GLY A 174 1.00 11.89 -9.71
N MSE A 175 1.40 11.53 -8.52
CA MSE A 175 2.74 11.04 -8.26
C MSE A 175 2.96 9.72 -9.01
O MSE A 175 4.06 9.45 -9.49
CB MSE A 175 2.91 10.88 -6.75
CG MSE A 175 4.24 10.36 -6.29
SE MSE A 175 4.48 10.62 -4.38
CE MSE A 175 2.88 9.73 -3.65
N MSE A 176 1.93 8.90 -9.08
CA MSE A 176 1.98 7.64 -9.80
C MSE A 176 2.20 7.89 -11.30
O MSE A 176 3.13 7.33 -11.91
CB MSE A 176 0.70 6.84 -9.54
CG MSE A 176 0.59 5.52 -10.27
SE MSE A 176 -0.24 5.72 -12.00
CE MSE A 176 -2.07 6.19 -11.59
N GLN A 177 1.39 8.77 -11.89
CA GLN A 177 1.54 9.11 -13.31
C GLN A 177 2.90 9.70 -13.69
N VAL A 178 3.45 10.60 -12.87
CA VAL A 178 4.78 11.13 -13.17
C VAL A 178 5.80 9.98 -13.20
N LEU A 179 5.77 9.14 -12.18
CA LEU A 179 6.65 7.97 -12.11
C LEU A 179 6.43 6.97 -13.26
N ALA A 180 5.16 6.72 -13.56
CA ALA A 180 4.84 5.77 -14.61
C ALA A 180 5.43 6.24 -15.95
N ASP A 181 4.93 7.37 -16.45
CA ASP A 181 5.56 8.05 -17.56
C ASP A 181 6.88 8.66 -17.10
N GLU A 182 7.91 7.85 -16.99
CA GLU A 182 9.23 8.29 -16.54
C GLU A 182 10.05 7.03 -16.35
N TYR A 183 9.36 5.99 -15.92
CA TYR A 183 9.90 4.64 -15.95
C TYR A 183 9.01 3.93 -16.95
N GLN A 184 9.37 4.12 -18.22
CA GLN A 184 8.56 3.71 -19.35
C GLN A 184 8.44 2.21 -19.44
N GLN A 185 9.56 1.56 -19.68
CA GLN A 185 9.59 0.11 -19.76
C GLN A 185 10.63 -0.43 -18.80
N ARG A 186 10.68 0.18 -17.62
CA ARG A 186 11.69 -0.15 -16.64
C ARG A 186 11.01 -0.63 -15.37
N LEU A 187 9.78 -0.15 -15.17
CA LEU A 187 8.96 -0.52 -14.00
C LEU A 187 7.47 -0.40 -14.28
N ARG A 188 6.68 -1.16 -13.54
CA ARG A 188 5.24 -0.99 -13.57
C ARG A 188 4.91 -0.13 -12.37
N VAL A 189 4.03 0.84 -12.54
CA VAL A 189 3.72 1.76 -11.46
C VAL A 189 2.27 2.10 -11.60
N ASN A 190 1.47 1.66 -10.63
CA ASN A 190 0.02 1.85 -10.67
C ASN A 190 -0.54 2.17 -9.29
N CYS A 191 -1.79 2.61 -9.24
CA CYS A 191 -2.52 2.66 -7.98
C CYS A 191 -3.59 1.57 -7.96
N ILE A 192 -3.98 1.15 -6.76
CA ILE A 192 -5.17 0.32 -6.56
C ILE A 192 -5.99 1.20 -5.68
N ASN A 193 -7.24 1.41 -6.03
CA ASN A 193 -8.20 1.91 -5.06
C ASN A 193 -8.95 0.69 -4.51
N PRO A 194 -8.62 0.26 -3.28
CA PRO A 194 -9.15 -0.96 -2.66
C PRO A 194 -10.68 -0.95 -2.57
N GLY A 195 -11.25 0.24 -2.40
CA GLY A 195 -12.68 0.39 -2.18
C GLY A 195 -12.97 0.22 -0.71
N GLY A 196 -14.19 0.56 -0.29
CA GLY A 196 -14.65 0.28 1.06
C GLY A 196 -14.44 -1.17 1.50
N THR A 197 -13.58 -1.35 2.49
CA THR A 197 -13.15 -2.68 2.95
C THR A 197 -13.30 -2.74 4.47
N ARG A 198 -13.47 -3.94 5.01
CA ARG A 198 -13.71 -4.15 6.43
C ARG A 198 -12.42 -4.03 7.25
N THR A 199 -12.10 -2.80 7.65
CA THR A 199 -10.91 -2.52 8.47
C THR A 199 -11.32 -1.56 9.58
N ALA A 200 -10.47 -1.42 10.59
CA ALA A 200 -10.77 -0.50 11.68
C ALA A 200 -10.95 0.92 11.15
N MET A 201 -10.17 1.29 10.15
CA MET A 201 -10.22 2.66 9.64
C MET A 201 -11.49 3.01 8.85
N ARG A 202 -12.04 2.04 8.12
CA ARG A 202 -13.33 2.24 7.48
C ARG A 202 -14.39 2.39 8.56
N ALA A 203 -14.25 1.62 9.64
CA ALA A 203 -15.14 1.76 10.77
C ALA A 203 -15.10 3.21 11.26
N SER A 204 -13.92 3.76 11.45
CA SER A 204 -13.79 5.08 12.06
C SER A 204 -14.45 6.23 11.26
N ALA A 205 -14.41 6.14 9.93
CA ALA A 205 -14.97 7.17 9.06
C ALA A 205 -16.44 6.93 8.69
N PHE A 206 -16.92 5.71 8.99
CA PHE A 206 -18.29 5.27 8.78
C PHE A 206 -18.76 4.42 9.98
N PRO A 207 -19.07 5.07 11.11
CA PRO A 207 -19.54 4.30 12.27
C PRO A 207 -20.96 3.73 12.07
N THR A 208 -21.82 4.43 11.33
CA THR A 208 -23.14 3.94 10.98
C THR A 208 -23.04 2.57 10.31
N GLU A 209 -22.26 2.53 9.24
CA GLU A 209 -22.03 1.33 8.43
C GLU A 209 -21.96 0.02 9.23
N ASP A 210 -22.55 -1.05 8.68
CA ASP A 210 -22.41 -2.40 9.23
C ASP A 210 -21.32 -3.16 8.48
N PRO A 211 -20.20 -3.43 9.16
CA PRO A 211 -19.02 -4.02 8.50
C PRO A 211 -19.34 -5.34 7.83
N GLN A 212 -20.27 -6.10 8.41
CA GLN A 212 -20.70 -7.35 7.82
C GLN A 212 -21.15 -7.13 6.36
N LYS A 213 -21.67 -5.94 6.08
CA LYS A 213 -22.04 -5.55 4.72
C LYS A 213 -20.85 -5.26 3.80
N LEU A 214 -19.67 -5.04 4.39
CA LEU A 214 -18.49 -4.67 3.60
C LEU A 214 -17.77 -5.90 3.10
N LYS A 215 -17.03 -5.72 2.01
CA LYS A 215 -16.15 -6.76 1.53
C LYS A 215 -14.93 -6.75 2.46
N THR A 216 -14.05 -7.73 2.30
CA THR A 216 -13.04 -7.96 3.32
C THR A 216 -11.63 -7.83 2.73
N PRO A 217 -10.64 -7.39 3.53
CA PRO A 217 -9.29 -7.34 2.93
C PRO A 217 -8.93 -8.62 2.14
N ALA A 218 -9.18 -9.80 2.71
CA ALA A 218 -9.00 -11.04 1.95
C ALA A 218 -9.86 -11.08 0.68
N ASP A 219 -11.00 -10.41 0.68
CA ASP A 219 -11.91 -10.44 -0.47
C ASP A 219 -11.43 -9.66 -1.68
N ILE A 220 -10.44 -8.79 -1.49
CA ILE A 220 -10.06 -7.91 -2.57
C ILE A 220 -8.64 -8.19 -2.97
N MSE A 221 -8.08 -9.25 -2.41
CA MSE A 221 -6.68 -9.53 -2.64
C MSE A 221 -6.26 -9.83 -4.10
O MSE A 221 -5.10 -9.61 -4.45
CB MSE A 221 -6.19 -10.60 -1.67
CG MSE A 221 -6.04 -10.07 -0.26
SE MSE A 221 -4.63 -8.70 -0.24
CE MSE A 221 -3.15 -9.87 -0.51
N PRO A 222 -7.20 -10.33 -4.92
CA PRO A 222 -6.91 -10.66 -6.32
C PRO A 222 -6.10 -9.60 -7.08
N LEU A 223 -6.56 -8.36 -6.97
CA LEU A 223 -5.91 -7.21 -7.61
C LEU A 223 -4.47 -7.03 -7.11
N TYR A 224 -4.30 -7.09 -5.80
CA TYR A 224 -2.98 -7.03 -5.20
C TYR A 224 -2.12 -8.13 -5.77
N LEU A 225 -2.71 -9.30 -5.96
CA LEU A 225 -1.94 -10.47 -6.39
C LEU A 225 -1.55 -10.27 -7.84
N TRP A 226 -2.48 -9.72 -8.59
CA TRP A 226 -2.24 -9.47 -9.99
C TRP A 226 -1.05 -8.53 -10.20
N LEU A 227 -1.18 -7.31 -9.69
CA LEU A 227 -0.18 -6.27 -9.92
C LEU A 227 1.23 -6.71 -9.59
N MSE A 228 1.37 -7.82 -8.87
CA MSE A 228 2.68 -8.20 -8.36
C MSE A 228 3.35 -9.35 -9.11
O MSE A 228 4.58 -9.46 -9.08
CB MSE A 228 2.62 -8.54 -6.86
CG MSE A 228 2.52 -7.33 -5.92
SE MSE A 228 3.84 -5.88 -6.19
CE MSE A 228 5.49 -6.83 -5.89
N GLY A 229 2.54 -10.18 -9.76
CA GLY A 229 3.05 -11.32 -10.52
C GLY A 229 3.53 -10.99 -11.93
N ASP A 230 3.49 -11.97 -12.83
CA ASP A 230 3.90 -11.75 -14.21
C ASP A 230 2.73 -11.51 -15.13
N ASP A 231 1.55 -11.92 -14.69
CA ASP A 231 0.35 -11.74 -15.49
C ASP A 231 0.04 -10.27 -15.79
N SER A 232 0.87 -9.35 -15.30
CA SER A 232 0.61 -7.92 -15.45
C SER A 232 1.82 -7.17 -15.99
N ARG A 233 2.82 -7.93 -16.41
CA ARG A 233 4.17 -7.42 -16.70
C ARG A 233 4.27 -6.30 -17.73
N ARG A 234 3.16 -5.92 -18.34
CA ARG A 234 3.19 -4.91 -19.40
C ARG A 234 2.34 -3.69 -19.06
N LYS A 235 1.58 -3.79 -17.98
CA LYS A 235 0.67 -2.72 -17.58
C LYS A 235 1.32 -1.79 -16.56
N THR A 236 1.22 -0.48 -16.80
CA THR A 236 1.87 0.54 -15.98
C THR A 236 1.09 1.82 -16.12
N GLY A 237 1.25 2.72 -15.15
CA GLY A 237 0.63 4.05 -15.24
C GLY A 237 -0.87 4.05 -15.11
N MET A 238 -1.43 2.99 -14.52
CA MET A 238 -2.88 2.88 -14.40
C MET A 238 -3.44 2.91 -12.95
N THR A 239 -4.73 3.20 -12.82
CA THR A 239 -5.42 3.12 -11.53
C THR A 239 -6.53 2.05 -11.50
N PHE A 240 -6.18 0.89 -10.97
CA PHE A 240 -7.12 -0.23 -10.79
C PHE A 240 -8.03 -0.18 -9.55
N ASP A 241 -9.30 -0.51 -9.75
CA ASP A 241 -10.26 -0.59 -8.66
C ASP A 241 -10.49 -2.02 -8.22
N ALA A 242 -10.52 -2.25 -6.91
CA ALA A 242 -10.66 -3.61 -6.39
C ALA A 242 -12.12 -4.06 -6.42
N GLN A 243 -13.01 -3.14 -6.05
CA GLN A 243 -14.44 -3.38 -6.11
C GLN A 243 -15.06 -2.52 -7.20
N PRO A 244 -14.81 -2.89 -8.47
CA PRO A 244 -15.39 -2.08 -9.55
C PRO A 244 -16.90 -2.12 -9.43
N GLY A 245 -17.53 -0.95 -9.54
CA GLY A 245 -18.97 -0.87 -9.43
C GLY A 245 -19.52 -1.19 -8.04
N ARG A 246 -18.83 -0.70 -7.02
CA ARG A 246 -19.43 -0.68 -5.69
C ARG A 246 -19.99 0.72 -5.50
N LYS A 247 -19.30 1.70 -6.07
CA LYS A 247 -19.76 3.08 -6.03
C LYS A 247 -19.61 3.67 -4.63
N PRO A 248 -19.45 5.00 -4.54
CA PRO A 248 -19.20 5.68 -3.25
C PRO A 248 -20.21 5.29 -2.19
N GLY A 249 -19.99 5.74 -0.97
CA GLY A 249 -21.04 5.72 0.04
C GLY A 249 -20.89 4.75 1.20
N ILE A 250 -21.93 4.71 2.01
CA ILE A 250 -21.94 4.00 3.29
C ILE A 250 -22.58 2.61 3.24
N SER A 251 -23.91 2.58 3.08
CA SER A 251 -24.70 1.36 3.34
C SER A 251 -24.03 0.04 2.94
N GLN A 252 -23.50 0.00 1.74
CA GLN A 252 -22.90 -1.23 1.22
C GLN A 252 -21.62 -1.62 1.98
PA NAP B . -5.51 0.39 8.65
O1A NAP B . -6.75 1.02 9.13
O2A NAP B . -5.36 -1.01 9.13
O5B NAP B . -4.22 1.31 8.98
C5B NAP B . -3.40 1.74 7.90
C4B NAP B . -1.92 1.44 8.12
O4B NAP B . -1.16 2.63 7.96
C3B NAP B . -1.63 0.89 9.52
O3B NAP B . -1.05 -0.42 9.48
C2B NAP B . -0.68 1.89 10.14
O2B NAP B . 0.32 1.28 10.95
C1B NAP B . -0.11 2.60 8.90
N9A NAP B . 0.38 3.91 9.32
C8A NAP B . -0.36 5.02 9.67
N7A NAP B . 0.49 6.00 10.03
C5A NAP B . 1.76 5.53 9.92
C6A NAP B . 2.99 6.11 10.16
N6A NAP B . 3.05 7.36 10.58
N1A NAP B . 4.15 5.36 9.95
C2A NAP B . 4.07 4.05 9.51
N3A NAP B . 2.83 3.47 9.28
C4A NAP B . 1.70 4.21 9.47
O3 NAP B . -5.38 0.44 7.05
PN NAP B . -6.21 -0.13 5.81
O1N NAP B . -7.67 0.07 6.05
O2N NAP B . -5.59 -1.43 5.47
O5D NAP B . -5.78 0.95 4.69
C5D NAP B . -4.64 0.79 3.88
C4D NAP B . -4.78 1.76 2.73
O4D NAP B . -6.09 1.62 2.23
C3D NAP B . -4.66 3.23 3.15
O3D NAP B . -3.60 3.88 2.46
C2D NAP B . -6.01 3.83 2.77
O2D NAP B . -5.86 5.13 2.26
C1D NAP B . -6.55 2.85 1.73
N1N NAP B . -8.02 2.88 1.61
C2N NAP B . -8.76 1.84 2.11
C3N NAP B . -10.15 1.83 2.00
C7N NAP B . -10.93 1.01 3.01
O7N NAP B . -12.28 1.30 3.23
N7N NAP B . -10.31 0.02 3.66
C4N NAP B . -10.79 2.88 1.35
C5N NAP B . -10.04 3.95 0.83
C6N NAP B . -8.64 3.92 0.96
P2B NAP B . 0.15 1.09 12.56
O1X NAP B . 1.49 0.79 13.18
O2X NAP B . -0.82 -0.04 12.87
O3X NAP B . -0.36 2.38 13.18
#